data_5WE8
#
_entry.id   5WE8
#
_cell.length_a   83.102
_cell.length_b   105.235
_cell.length_c   70.105
_cell.angle_alpha   90.000
_cell.angle_beta   117.280
_cell.angle_gamma   90.000
#
_symmetry.space_group_name_H-M   'C 1 2 1'
#
loop_
_entity.id
_entity.type
_entity.pdbx_description
1 polymer 'Serine/threonine-protein kinase WNK1'
2 non-polymer 'MANGANESE (II) ION'
3 non-polymer 'PHOSPHOAMINOPHOSPHONIC ACID-ADENYLATE ESTER'
4 non-polymer N-{(3R)-1-[(4-chlorophenyl)methyl]pyrrolidin-3-yl}-2-(3-methoxyphenyl)-N-methylquinoline-4-carboxamide
5 water water
#
_entity_poly.entity_id   1
_entity_poly.type   'polypeptide(L)'
_entity_poly.pdbx_seq_one_letter_code
;GELETKAVGMSNDGRFLKFDIEIGRGSFKTVYKGLDTETTVEVAWCELQDRKLTKSERQRFKEEAEMLKGLQHPNIVRFY
DSWESTVKGKKCIVLVTELMTSGTLKTYLKRFKVMKIKVLRSWCRQILKGLQFLHTRTPPIIHRDLKCDNIFITGPTGSV
KIGDLGLATLKRADFAKSVIGTPEFMAPEMYAAAYDESVDVYAFGMCMLEMATSEYPYSECQNAAQIYRRVTSGVKPASF
DKVAIPEVKEIIEGCIRQNKDERYSIKDLLNHAFFQEET
;
_entity_poly.pdbx_strand_id   A,B
#
loop_
_chem_comp.id
_chem_comp.type
_chem_comp.name
_chem_comp.formula
A7Y non-polymer N-{(3R)-1-[(4-chlorophenyl)methyl]pyrrolidin-3-yl}-2-(3-methoxyphenyl)-N-methylquinoline-4-carboxamide 'C29 H28 Cl N3 O2'
ANP non-polymer 'PHOSPHOAMINOPHOSPHONIC ACID-ADENYLATE ESTER' 'C10 H17 N6 O12 P3'
MN non-polymer 'MANGANESE (II) ION' 'Mn 2'
#
# COMPACT_ATOMS: atom_id res chain seq x y z
N THR A 5 39.96 -7.70 20.58
CA THR A 5 38.95 -8.30 19.73
C THR A 5 39.36 -8.24 18.26
N LYS A 6 39.34 -9.39 17.61
CA LYS A 6 39.74 -9.54 16.23
C LYS A 6 38.51 -9.48 15.32
N ALA A 7 38.65 -8.80 14.19
CA ALA A 7 37.54 -8.63 13.25
C ALA A 7 37.33 -9.89 12.42
N VAL A 8 36.07 -10.31 12.29
CA VAL A 8 35.70 -11.40 11.41
C VAL A 8 35.04 -10.92 10.12
N GLY A 9 34.81 -9.61 10.00
CA GLY A 9 34.23 -9.05 8.79
C GLY A 9 34.52 -7.57 8.73
N MET A 10 34.47 -7.02 7.52
CA MET A 10 34.82 -5.62 7.30
C MET A 10 33.94 -5.05 6.19
N SER A 11 33.58 -3.77 6.32
CA SER A 11 32.95 -3.07 5.23
C SER A 11 33.97 -2.84 4.10
N ASN A 12 33.45 -2.65 2.89
CA ASN A 12 34.32 -2.51 1.73
C ASN A 12 35.23 -1.28 1.86
N ASP A 13 34.68 -0.17 2.35
CA ASP A 13 35.50 1.01 2.58
C ASP A 13 36.46 0.85 3.76
N GLY A 14 36.36 -0.25 4.51
CA GLY A 14 37.22 -0.49 5.64
C GLY A 14 36.85 0.26 6.91
N ARG A 15 35.70 0.93 6.93
CA ARG A 15 35.34 1.74 8.08
C ARG A 15 34.78 0.88 9.22
N PHE A 16 33.95 -0.11 8.91
CA PHE A 16 33.22 -0.86 9.91
C PHE A 16 33.80 -2.26 10.05
N LEU A 17 34.09 -2.66 11.28
CA LEU A 17 34.56 -3.99 11.61
C LEU A 17 33.43 -4.79 12.24
N LYS A 18 33.41 -6.09 11.96
CA LYS A 18 32.48 -7.02 12.60
C LYS A 18 33.25 -7.92 13.56
N PHE A 19 32.73 -8.07 14.76
CA PHE A 19 33.27 -9.00 15.74
C PHE A 19 32.30 -10.17 15.90
N ASP A 20 32.86 -11.36 16.19
CA ASP A 20 32.04 -12.54 16.38
C ASP A 20 31.39 -12.52 17.75
N ILE A 21 30.71 -11.43 18.07
CA ILE A 21 30.02 -11.26 19.35
C ILE A 21 28.56 -11.00 19.02
N GLU A 22 27.71 -12.00 19.26
CA GLU A 22 26.28 -11.88 18.99
C GLU A 22 25.61 -11.17 20.15
N ILE A 23 24.95 -10.05 19.87
CA ILE A 23 24.26 -9.26 20.87
C ILE A 23 22.75 -9.31 20.71
N GLY A 24 22.26 -9.97 19.67
CA GLY A 24 20.84 -10.11 19.47
C GLY A 24 20.52 -11.08 18.35
N ARG A 25 19.40 -11.78 18.46
CA ARG A 25 18.98 -12.74 17.45
CA ARG A 25 18.98 -12.74 17.45
C ARG A 25 17.49 -12.59 17.23
N GLY A 26 17.10 -12.22 16.01
CA GLY A 26 15.72 -12.16 15.61
C GLY A 26 15.37 -13.34 14.73
N SER A 27 14.10 -13.38 14.31
CA SER A 27 13.65 -14.43 13.41
C SER A 27 14.35 -14.33 12.06
N PHE A 28 14.59 -13.10 11.58
CA PHE A 28 15.21 -12.88 10.29
C PHE A 28 16.38 -11.92 10.40
N LYS A 29 16.94 -11.77 11.60
CA LYS A 29 17.98 -10.77 11.84
C LYS A 29 18.90 -11.28 12.94
N THR A 30 20.21 -11.18 12.69
CA THR A 30 21.22 -11.43 13.71
C THR A 30 22.07 -10.18 13.85
N VAL A 31 22.27 -9.73 15.08
CA VAL A 31 22.98 -8.50 15.39
C VAL A 31 24.29 -8.85 16.07
N TYR A 32 25.39 -8.31 15.55
CA TYR A 32 26.72 -8.52 16.12
C TYR A 32 27.29 -7.21 16.61
N LYS A 33 28.17 -7.30 17.60
CA LYS A 33 28.95 -6.13 18.00
C LYS A 33 29.93 -5.77 16.89
N GLY A 34 30.02 -4.48 16.61
CA GLY A 34 30.91 -3.98 15.58
C GLY A 34 31.63 -2.73 16.03
N LEU A 35 32.49 -2.22 15.16
CA LEU A 35 33.27 -1.04 15.48
C LEU A 35 33.35 -0.11 14.28
N ASP A 36 33.10 1.18 14.53
CA ASP A 36 33.31 2.23 13.53
C ASP A 36 34.72 2.76 13.73
N THR A 37 35.65 2.33 12.85
CA THR A 37 37.05 2.70 12.98
C THR A 37 37.31 4.17 12.68
N GLU A 38 36.31 4.91 12.21
CA GLU A 38 36.47 6.35 12.01
C GLU A 38 36.30 7.12 13.31
N THR A 39 35.50 6.60 14.24
CA THR A 39 35.28 7.22 15.54
C THR A 39 35.68 6.36 16.72
N THR A 40 36.08 5.10 16.48
CA THR A 40 36.38 4.14 17.54
C THR A 40 35.19 3.94 18.47
N VAL A 41 33.98 4.01 17.92
CA VAL A 41 32.75 3.82 18.66
C VAL A 41 32.17 2.49 18.23
N GLU A 42 31.57 1.74 19.14
CA GLU A 42 30.98 0.52 18.63
C GLU A 42 29.60 0.79 18.07
N VAL A 43 29.22 -0.14 17.22
CA VAL A 43 28.02 -0.06 16.44
C VAL A 43 27.41 -1.44 16.45
N ALA A 44 26.19 -1.50 15.98
CA ALA A 44 25.45 -2.73 15.82
C ALA A 44 25.59 -3.15 14.35
N TRP A 45 26.08 -4.35 14.13
CA TRP A 45 26.26 -4.93 12.80
C TRP A 45 25.13 -5.93 12.61
N CYS A 46 24.12 -5.53 11.85
CA CYS A 46 22.90 -6.31 11.68
C CYS A 46 22.94 -7.06 10.36
N GLU A 47 22.79 -8.38 10.42
CA GLU A 47 22.78 -9.23 9.24
C GLU A 47 21.35 -9.69 8.98
N LEU A 48 20.80 -9.31 7.83
CA LEU A 48 19.41 -9.56 7.49
C LEU A 48 19.32 -10.58 6.38
N GLN A 49 18.34 -11.47 6.47
CA GLN A 49 18.08 -12.43 5.40
C GLN A 49 17.66 -11.68 4.15
N ASP A 50 18.46 -11.81 3.09
CA ASP A 50 18.15 -11.10 1.85
C ASP A 50 17.02 -11.79 1.11
N ARG A 51 15.97 -11.04 0.81
CA ARG A 51 14.89 -11.54 0.00
C ARG A 51 15.29 -11.58 -1.46
N LYS A 52 14.53 -12.34 -2.25
CA LYS A 52 14.59 -12.17 -3.69
C LYS A 52 14.23 -10.73 -3.99
N LEU A 53 15.18 -10.01 -4.57
CA LEU A 53 15.05 -8.58 -4.78
C LEU A 53 15.20 -8.28 -6.27
N THR A 54 14.17 -7.68 -6.86
CA THR A 54 14.26 -7.21 -8.23
C THR A 54 15.18 -5.99 -8.28
N LYS A 55 15.73 -5.74 -9.48
CA LYS A 55 16.78 -4.73 -9.59
C LYS A 55 16.25 -3.34 -9.29
N SER A 56 14.99 -3.07 -9.64
CA SER A 56 14.36 -1.81 -9.24
C SER A 56 14.27 -1.73 -7.72
N GLU A 57 13.94 -2.84 -7.07
CA GLU A 57 13.76 -2.84 -5.63
C GLU A 57 15.09 -2.68 -4.89
N ARG A 58 16.15 -3.29 -5.43
CA ARG A 58 17.49 -3.08 -4.89
C ARG A 58 17.93 -1.63 -5.05
N GLN A 59 17.54 -0.98 -6.14
CA GLN A 59 17.86 0.43 -6.33
C GLN A 59 17.09 1.32 -5.36
N ARG A 60 15.83 0.96 -5.09
CA ARG A 60 15.06 1.73 -4.12
C ARG A 60 15.63 1.59 -2.72
N PHE A 61 16.17 0.41 -2.40
CA PHE A 61 16.80 0.19 -1.10
C PHE A 61 18.01 1.12 -0.93
N LYS A 62 18.84 1.21 -1.96
CA LYS A 62 20.00 2.10 -1.90
C LYS A 62 19.56 3.56 -1.81
N GLU A 63 18.51 3.93 -2.56
CA GLU A 63 17.98 5.29 -2.48
C GLU A 63 17.49 5.60 -1.07
N GLU A 64 16.75 4.66 -0.47
CA GLU A 64 16.21 4.88 0.87
C GLU A 64 17.31 4.85 1.93
N ALA A 65 18.37 4.05 1.71
CA ALA A 65 19.46 4.03 2.67
C ALA A 65 20.19 5.36 2.72
N GLU A 66 20.26 6.08 1.60
CA GLU A 66 20.86 7.41 1.61
C GLU A 66 20.02 8.39 2.42
N MET A 67 18.69 8.30 2.30
CA MET A 67 17.82 9.14 3.12
C MET A 67 17.98 8.82 4.60
N LEU A 68 18.03 7.53 4.94
CA LEU A 68 18.16 7.12 6.33
C LEU A 68 19.46 7.63 6.94
N LYS A 69 20.55 7.57 6.18
CA LYS A 69 21.83 8.09 6.61
C LYS A 69 21.81 9.59 6.89
N GLY A 70 20.89 10.33 6.29
CA GLY A 70 20.81 11.76 6.53
C GLY A 70 19.99 12.15 7.74
N LEU A 71 19.35 11.18 8.38
CA LEU A 71 18.56 11.46 9.57
C LEU A 71 19.47 11.55 10.78
N GLN A 72 19.23 12.54 11.61
CA GLN A 72 20.01 12.71 12.82
C GLN A 72 19.12 13.41 13.83
N HIS A 73 18.71 12.68 14.86
CA HIS A 73 17.87 13.18 15.94
C HIS A 73 18.21 12.37 17.19
N PRO A 74 18.25 13.00 18.37
CA PRO A 74 18.66 12.29 19.58
C PRO A 74 17.73 11.15 19.98
N ASN A 75 16.49 11.12 19.48
CA ASN A 75 15.53 10.09 19.85
C ASN A 75 15.23 9.15 18.69
N ILE A 76 16.11 9.08 17.69
CA ILE A 76 16.04 8.10 16.62
C ILE A 76 17.38 7.36 16.57
N VAL A 77 17.33 6.03 16.49
CA VAL A 77 18.54 5.25 16.32
C VAL A 77 19.27 5.70 15.07
N ARG A 78 20.57 5.91 15.18
CA ARG A 78 21.35 6.38 14.05
C ARG A 78 21.61 5.26 13.06
N PHE A 79 21.45 5.57 11.77
CA PHE A 79 21.68 4.63 10.68
C PHE A 79 22.95 5.03 9.95
N TYR A 80 23.91 4.10 9.86
CA TYR A 80 25.22 4.43 9.31
C TYR A 80 25.41 3.98 7.86
N ASP A 81 25.02 2.76 7.51
CA ASP A 81 25.28 2.27 6.16
C ASP A 81 24.57 0.94 5.97
N SER A 82 24.49 0.53 4.71
CA SER A 82 23.94 -0.76 4.31
C SER A 82 24.67 -1.23 3.07
N TRP A 83 24.70 -2.55 2.87
CA TRP A 83 25.32 -3.14 1.68
C TRP A 83 24.97 -4.62 1.65
N GLU A 84 25.35 -5.27 0.54
CA GLU A 84 25.09 -6.69 0.33
C GLU A 84 26.37 -7.49 0.50
N SER A 85 26.22 -8.68 1.08
CA SER A 85 27.34 -9.58 1.31
C SER A 85 26.85 -11.01 1.11
N THR A 86 27.80 -11.94 1.07
CA THR A 86 27.47 -13.35 0.91
C THR A 86 28.27 -14.20 1.89
N CYS A 92 23.36 -12.00 2.11
CA CYS A 92 22.55 -11.28 3.08
C CYS A 92 22.78 -9.77 2.99
N ILE A 93 21.97 -9.00 3.70
CA ILE A 93 22.09 -7.55 3.75
C ILE A 93 22.63 -7.16 5.13
N VAL A 94 23.66 -6.32 5.13
CA VAL A 94 24.26 -5.83 6.37
C VAL A 94 23.80 -4.41 6.61
N LEU A 95 23.29 -4.15 7.80
CA LEU A 95 22.98 -2.80 8.26
C LEU A 95 23.88 -2.47 9.44
N VAL A 96 24.51 -1.29 9.39
CA VAL A 96 25.30 -0.78 10.50
C VAL A 96 24.53 0.39 11.10
N THR A 97 24.19 0.26 12.38
CA THR A 97 23.42 1.28 13.09
C THR A 97 24.06 1.57 14.45
N GLU A 98 23.52 2.60 15.10
CA GLU A 98 23.91 2.94 16.47
C GLU A 98 23.67 1.76 17.40
N LEU A 99 24.60 1.51 18.32
CA LEU A 99 24.51 0.42 19.26
C LEU A 99 23.70 0.84 20.47
N MET A 100 22.63 0.10 20.76
CA MET A 100 21.79 0.38 21.91
C MET A 100 22.27 -0.48 23.08
N THR A 101 22.87 0.17 24.08
CA THR A 101 23.59 -0.57 25.11
C THR A 101 22.68 -1.16 26.17
N SER A 102 21.44 -0.67 26.31
CA SER A 102 20.61 -1.06 27.43
C SER A 102 19.30 -1.72 27.00
N GLY A 103 19.28 -2.32 25.82
CA GLY A 103 18.15 -3.14 25.42
C GLY A 103 16.93 -2.34 24.99
N THR A 104 15.89 -3.09 24.66
CA THR A 104 14.63 -2.52 24.22
C THR A 104 13.77 -2.15 25.43
N LEU A 105 12.82 -1.23 25.21
CA LEU A 105 11.84 -0.92 26.23
C LEU A 105 11.08 -2.17 26.67
N LYS A 106 10.87 -3.11 25.73
CA LYS A 106 10.11 -4.32 26.04
C LYS A 106 10.75 -5.11 27.17
N THR A 107 12.08 -5.23 27.18
CA THR A 107 12.74 -6.00 28.22
C THR A 107 12.66 -5.33 29.58
N TYR A 108 12.50 -3.99 29.62
CA TYR A 108 12.27 -3.34 30.91
C TYR A 108 10.89 -3.70 31.46
N LEU A 109 9.88 -3.77 30.58
CA LEU A 109 8.54 -4.11 31.02
C LEU A 109 8.43 -5.58 31.40
N LYS A 110 9.26 -6.43 30.81
CA LYS A 110 9.24 -7.85 31.13
C LYS A 110 10.01 -8.17 32.41
N ARG A 111 10.68 -7.19 33.01
CA ARG A 111 11.41 -7.38 34.25
C ARG A 111 10.76 -6.72 35.45
N PHE A 112 9.96 -5.67 35.23
CA PHE A 112 9.31 -4.93 36.29
C PHE A 112 7.85 -4.71 35.91
N LYS A 113 7.03 -4.35 36.89
CA LYS A 113 5.59 -4.34 36.69
C LYS A 113 4.90 -2.99 36.87
N VAL A 114 5.51 -2.02 37.53
CA VAL A 114 4.86 -0.73 37.74
C VAL A 114 5.89 0.35 37.44
N MET A 115 5.85 0.90 36.23
CA MET A 115 6.74 1.99 35.87
C MET A 115 6.33 3.26 36.63
N LYS A 116 7.32 3.98 37.15
CA LYS A 116 7.03 5.20 37.87
C LYS A 116 6.67 6.32 36.90
N ILE A 117 5.73 7.17 37.33
CA ILE A 117 5.15 8.17 36.43
C ILE A 117 6.20 9.14 35.94
N LYS A 118 7.22 9.43 36.75
CA LYS A 118 8.32 10.29 36.30
C LYS A 118 9.00 9.68 35.07
N VAL A 119 9.16 8.37 35.06
CA VAL A 119 9.80 7.69 33.93
C VAL A 119 8.83 7.59 32.75
N LEU A 120 7.56 7.29 33.03
CA LEU A 120 6.56 7.24 31.97
C LEU A 120 6.48 8.56 31.23
N ARG A 121 6.50 9.68 31.96
CA ARG A 121 6.47 10.98 31.32
C ARG A 121 7.73 11.24 30.51
N SER A 122 8.90 10.94 31.10
CA SER A 122 10.16 11.24 30.42
C SER A 122 10.36 10.35 29.19
N TRP A 123 10.09 9.06 29.33
CA TRP A 123 10.35 8.14 28.22
C TRP A 123 9.35 8.37 27.10
N CYS A 124 8.07 8.59 27.44
CA CYS A 124 7.07 8.87 26.41
C CYS A 124 7.35 10.19 25.70
N ARG A 125 7.82 11.20 26.43
CA ARG A 125 8.16 12.48 25.79
C ARG A 125 9.25 12.30 24.76
N GLN A 126 10.27 11.50 25.07
CA GLN A 126 11.32 11.24 24.10
C GLN A 126 10.79 10.47 22.89
N ILE A 127 9.81 9.59 23.10
CA ILE A 127 9.21 8.89 21.96
C ILE A 127 8.49 9.87 21.06
N LEU A 128 7.75 10.81 21.65
CA LEU A 128 7.01 11.79 20.87
C LEU A 128 7.95 12.72 20.10
N LYS A 129 9.09 13.08 20.71
CA LYS A 129 10.06 13.90 20.01
C LYS A 129 10.63 13.16 18.80
N GLY A 130 10.83 11.84 18.94
CA GLY A 130 11.30 11.06 17.81
C GLY A 130 10.27 11.00 16.69
N LEU A 131 9.01 10.73 17.05
CA LEU A 131 7.95 10.68 16.05
C LEU A 131 7.75 12.04 15.40
N GLN A 132 7.82 13.12 16.18
CA GLN A 132 7.68 14.46 15.61
C GLN A 132 8.75 14.74 14.57
N PHE A 133 9.98 14.31 14.85
CA PHE A 133 11.06 14.46 13.86
C PHE A 133 10.71 13.73 12.56
N LEU A 134 10.32 12.46 12.66
CA LEU A 134 10.01 11.68 11.46
C LEU A 134 8.85 12.31 10.70
N HIS A 135 7.81 12.72 11.41
CA HIS A 135 6.61 13.25 10.77
C HIS A 135 6.81 14.64 10.17
N THR A 136 7.92 15.30 10.45
CA THR A 136 8.19 16.62 9.89
C THR A 136 9.32 16.60 8.86
N ARG A 137 9.76 15.43 8.43
CA ARG A 137 10.67 15.36 7.29
C ARG A 137 9.92 15.69 6.00
N THR A 138 10.66 15.80 4.91
CA THR A 138 10.10 16.13 3.60
C THR A 138 10.50 15.07 2.58
N PRO A 139 9.61 14.13 2.25
CA PRO A 139 8.25 13.99 2.78
C PRO A 139 8.25 13.43 4.20
N PRO A 140 7.10 13.47 4.89
CA PRO A 140 7.02 12.88 6.22
C PRO A 140 7.26 11.37 6.19
N ILE A 141 7.90 10.87 7.23
CA ILE A 141 8.16 9.44 7.38
C ILE A 141 7.16 8.88 8.38
N ILE A 142 6.44 7.84 7.97
CA ILE A 142 5.53 7.12 8.86
C ILE A 142 6.24 5.83 9.29
N HIS A 143 6.42 5.65 10.60
CA HIS A 143 7.13 4.48 11.09
C HIS A 143 6.37 3.19 10.81
N ARG A 144 5.07 3.19 11.13
CA ARG A 144 4.14 2.07 10.88
C ARG A 144 4.37 0.85 11.76
N ASP A 145 5.51 0.78 12.47
CA ASP A 145 5.85 -0.40 13.25
C ASP A 145 6.25 -0.04 14.67
N LEU A 146 5.62 0.97 15.25
CA LEU A 146 5.95 1.40 16.60
C LEU A 146 5.41 0.37 17.62
N LYS A 147 6.31 -0.14 18.44
CA LYS A 147 5.99 -1.05 19.52
C LYS A 147 7.15 -1.01 20.50
N CYS A 148 6.92 -1.51 21.71
CA CYS A 148 7.94 -1.40 22.74
C CYS A 148 9.21 -2.17 22.40
N ASP A 149 9.12 -3.15 21.48
CA ASP A 149 10.32 -3.85 21.04
C ASP A 149 11.18 -3.01 20.10
N ASN A 150 10.60 -1.98 19.46
CA ASN A 150 11.31 -1.12 18.54
C ASN A 150 11.69 0.20 19.15
N ILE A 151 11.66 0.29 20.48
CA ILE A 151 12.11 1.45 21.22
C ILE A 151 13.23 0.99 22.13
N PHE A 152 14.33 1.74 22.14
CA PHE A 152 15.56 1.27 22.77
C PHE A 152 16.02 2.26 23.85
N ILE A 153 16.76 1.74 24.80
CA ILE A 153 17.38 2.52 25.86
C ILE A 153 18.89 2.38 25.74
N THR A 154 19.60 3.50 25.85
CA THR A 154 21.04 3.45 25.68
C THR A 154 21.70 4.60 26.45
N GLY A 155 22.99 4.43 26.72
CA GLY A 155 23.81 5.50 27.24
C GLY A 155 23.76 5.67 28.75
N PRO A 156 24.58 6.61 29.25
CA PRO A 156 24.65 6.81 30.71
C PRO A 156 23.33 7.23 31.33
N THR A 157 22.58 8.12 30.68
CA THR A 157 21.33 8.62 31.23
C THR A 157 20.11 7.82 30.76
N GLY A 158 20.33 6.66 30.14
CA GLY A 158 19.23 5.83 29.67
C GLY A 158 18.31 6.56 28.72
N SER A 159 18.88 7.17 27.69
CA SER A 159 18.08 7.89 26.70
C SER A 159 17.23 6.93 25.89
N VAL A 160 16.12 7.44 25.37
CA VAL A 160 15.11 6.66 24.67
C VAL A 160 15.18 7.01 23.19
N LYS A 161 15.25 5.99 22.33
CA LYS A 161 15.34 6.21 20.89
C LYS A 161 14.47 5.22 20.13
N ILE A 162 13.80 5.69 19.09
CA ILE A 162 13.01 4.84 18.21
C ILE A 162 13.93 4.22 17.17
N GLY A 163 13.87 2.90 17.03
CA GLY A 163 14.67 2.24 16.01
C GLY A 163 13.87 1.43 15.01
N ASP A 164 14.56 0.66 14.16
CA ASP A 164 13.95 -0.34 13.27
C ASP A 164 12.91 0.32 12.35
N LEU A 165 13.43 1.10 11.41
CA LEU A 165 12.60 1.76 10.40
C LEU A 165 12.38 0.90 9.16
N GLY A 166 12.46 -0.43 9.30
CA GLY A 166 12.36 -1.29 8.13
C GLY A 166 10.98 -1.29 7.50
N LEU A 167 9.93 -1.17 8.30
CA LEU A 167 8.56 -1.13 7.79
C LEU A 167 8.07 0.28 7.51
N ALA A 168 8.92 1.29 7.66
CA ALA A 168 8.49 2.67 7.47
C ALA A 168 8.15 2.94 6.01
N THR A 169 7.46 4.06 5.78
CA THR A 169 7.11 4.48 4.43
C THR A 169 7.07 6.00 4.39
N LEU A 170 7.31 6.55 3.22
CA LEU A 170 7.13 7.98 3.00
C LEU A 170 5.66 8.28 2.71
N LYS A 171 5.19 9.40 3.23
CA LYS A 171 3.80 9.82 3.03
C LYS A 171 3.62 10.37 1.62
N ARG A 172 2.59 9.90 0.92
CA ARG A 172 2.27 10.35 -0.42
C ARG A 172 0.80 10.74 -0.50
N ALA A 173 0.46 11.51 -1.54
CA ALA A 173 -0.90 12.01 -1.70
C ALA A 173 -1.75 11.12 -2.60
N ASP A 174 -1.18 10.59 -3.68
CA ASP A 174 -1.98 9.93 -4.71
C ASP A 174 -2.27 8.48 -4.33
N PHE A 175 -3.27 7.91 -5.00
CA PHE A 175 -3.68 6.53 -4.72
C PHE A 175 -2.57 5.55 -5.04
N ALA A 176 -2.07 5.58 -6.27
CA ALA A 176 -1.01 4.69 -6.73
C ALA A 176 0.27 5.47 -6.93
N LYS A 177 1.40 4.78 -6.80
CA LYS A 177 2.70 5.41 -6.87
C LYS A 177 3.05 5.73 -8.33
N SER A 178 3.28 7.01 -8.60
CA SER A 178 3.70 7.50 -9.92
C SER A 178 2.65 7.28 -11.00
N VAL A 179 1.40 7.04 -10.61
CA VAL A 179 0.29 6.89 -11.56
C VAL A 179 -0.91 7.62 -10.99
N ILE A 180 -1.29 8.73 -11.63
CA ILE A 180 -2.36 9.58 -11.13
C ILE A 180 -3.72 8.95 -11.43
N GLY A 181 -4.66 9.16 -10.52
CA GLY A 181 -6.02 8.65 -10.67
C GLY A 181 -6.51 7.96 -9.43
N THR A 182 -7.83 7.73 -9.40
CA THR A 182 -8.45 7.06 -8.27
C THR A 182 -9.63 6.20 -8.75
N PRO A 183 -9.79 5.00 -8.18
CA PRO A 183 -10.88 4.12 -8.62
C PRO A 183 -12.26 4.63 -8.24
N GLU A 184 -13.24 4.30 -9.08
CA GLU A 184 -14.62 4.72 -8.87
C GLU A 184 -15.45 3.72 -8.09
N PHE A 185 -15.29 2.43 -8.35
CA PHE A 185 -16.00 1.38 -7.61
C PHE A 185 -15.09 0.84 -6.49
N MET A 186 -14.80 1.72 -5.54
CA MET A 186 -13.78 1.43 -4.53
C MET A 186 -14.38 0.59 -3.41
N ALA A 187 -13.80 -0.59 -3.19
CA ALA A 187 -14.18 -1.40 -2.04
C ALA A 187 -13.89 -0.63 -0.75
N PRO A 188 -14.66 -0.88 0.32
CA PRO A 188 -14.48 -0.09 1.55
C PRO A 188 -13.07 -0.15 2.11
N GLU A 189 -12.46 -1.33 2.11
CA GLU A 189 -11.10 -1.47 2.62
C GLU A 189 -10.10 -0.64 1.82
N MET A 190 -10.37 -0.47 0.53
CA MET A 190 -9.50 0.34 -0.33
C MET A 190 -9.60 1.81 0.01
N TYR A 191 -10.80 2.28 0.38
CA TYR A 191 -10.96 3.66 0.81
C TYR A 191 -10.23 3.93 2.11
N ALA A 192 -10.17 2.96 3.00
CA ALA A 192 -9.49 3.12 4.28
C ALA A 192 -7.97 3.02 4.16
N ALA A 193 -7.46 2.56 3.02
CA ALA A 193 -6.02 2.40 2.83
C ALA A 193 -5.27 3.72 2.72
N ALA A 194 -5.96 4.85 2.76
CA ALA A 194 -5.33 6.16 2.66
C ALA A 194 -5.05 6.74 4.04
N TYR A 195 -4.28 6.00 4.83
CA TYR A 195 -3.93 6.45 6.17
C TYR A 195 -2.70 7.36 6.14
N ASP A 196 -2.44 8.01 7.26
CA ASP A 196 -1.36 8.98 7.36
C ASP A 196 -0.55 8.74 8.63
N GLU A 197 0.16 9.77 9.08
CA GLU A 197 1.01 9.65 10.27
C GLU A 197 0.23 9.38 11.53
N SER A 198 -1.10 9.54 11.51
CA SER A 198 -1.90 9.26 12.69
C SER A 198 -1.86 7.78 13.10
N VAL A 199 -1.46 6.89 12.19
CA VAL A 199 -1.29 5.49 12.59
C VAL A 199 -0.17 5.35 13.60
N ASP A 200 0.80 6.28 13.58
CA ASP A 200 1.86 6.31 14.60
C ASP A 200 1.36 6.87 15.93
N VAL A 201 0.40 7.80 15.88
CA VAL A 201 -0.22 8.27 17.11
C VAL A 201 -0.96 7.13 17.80
N TYR A 202 -1.69 6.33 17.01
CA TYR A 202 -2.41 5.18 17.54
C TYR A 202 -1.47 4.19 18.19
N ALA A 203 -0.36 3.87 17.52
CA ALA A 203 0.60 2.92 18.07
C ALA A 203 1.27 3.47 19.32
N PHE A 204 1.55 4.79 19.33
CA PHE A 204 2.11 5.40 20.54
C PHE A 204 1.16 5.23 21.71
N GLY A 205 -0.14 5.42 21.47
CA GLY A 205 -1.12 5.23 22.54
C GLY A 205 -1.10 3.83 23.11
N MET A 206 -0.90 2.82 22.24
CA MET A 206 -0.80 1.44 22.71
C MET A 206 0.50 1.20 23.47
N CYS A 207 1.61 1.79 23.01
CA CYS A 207 2.87 1.68 23.75
C CYS A 207 2.74 2.32 25.12
N MET A 208 2.14 3.51 25.17
CA MET A 208 1.92 4.18 26.46
C MET A 208 1.02 3.35 27.35
N LEU A 209 0.00 2.72 26.77
CA LEU A 209 -0.85 1.82 27.55
C LEU A 209 -0.05 0.65 28.11
N GLU A 210 0.85 0.09 27.30
CA GLU A 210 1.66 -1.04 27.77
C GLU A 210 2.60 -0.60 28.89
N MET A 211 3.23 0.56 28.75
CA MET A 211 4.15 1.04 29.78
C MET A 211 3.43 1.36 31.08
N ALA A 212 2.19 1.82 31.00
CA ALA A 212 1.45 2.22 32.19
C ALA A 212 0.79 1.05 32.91
N THR A 213 0.57 -0.07 32.24
CA THR A 213 -0.12 -1.21 32.83
C THR A 213 0.71 -2.47 32.95
N SER A 214 1.92 -2.50 32.39
CA SER A 214 2.77 -3.71 32.34
C SER A 214 1.98 -4.93 31.89
N GLU A 215 1.18 -4.74 30.84
CA GLU A 215 0.39 -5.81 30.27
C GLU A 215 0.30 -5.57 28.78
N TYR A 216 0.27 -6.65 28.02
CA TYR A 216 0.17 -6.49 26.57
C TYR A 216 -1.28 -6.15 26.21
N PRO A 217 -1.52 -5.07 25.46
CA PRO A 217 -2.90 -4.71 25.12
C PRO A 217 -3.60 -5.84 24.38
N TYR A 218 -4.89 -6.00 24.70
CA TYR A 218 -5.72 -7.08 24.13
C TYR A 218 -5.13 -8.45 24.42
N SER A 219 -4.50 -8.60 25.59
CA SER A 219 -3.98 -9.89 26.02
C SER A 219 -5.09 -10.94 26.09
N GLU A 220 -6.30 -10.52 26.43
CA GLU A 220 -7.42 -11.44 26.56
C GLU A 220 -7.80 -12.11 25.24
N CYS A 221 -7.35 -11.58 24.11
CA CYS A 221 -7.75 -12.12 22.82
C CYS A 221 -6.91 -13.34 22.45
N GLN A 222 -7.52 -14.23 21.64
CA GLN A 222 -6.94 -15.52 21.30
C GLN A 222 -6.09 -15.51 20.05
N ASN A 223 -6.37 -14.61 19.11
CA ASN A 223 -5.68 -14.58 17.84
C ASN A 223 -5.73 -13.15 17.30
N ALA A 224 -4.99 -12.91 16.23
CA ALA A 224 -4.92 -11.57 15.66
C ALA A 224 -6.26 -11.10 15.13
N ALA A 225 -7.09 -12.03 14.60
CA ALA A 225 -8.35 -11.63 13.98
C ALA A 225 -9.29 -10.98 15.00
N GLN A 226 -9.35 -11.53 16.22
CA GLN A 226 -10.22 -10.96 17.24
C GLN A 226 -9.86 -9.53 17.59
N ILE A 227 -8.58 -9.18 17.45
CA ILE A 227 -8.10 -7.90 17.94
C ILE A 227 -8.89 -6.75 17.33
N TYR A 228 -9.20 -6.85 16.04
CA TYR A 228 -9.87 -5.74 15.37
C TYR A 228 -11.25 -5.46 15.96
N ARG A 229 -12.19 -6.38 15.77
CA ARG A 229 -13.62 -6.08 15.95
C ARG A 229 -13.95 -5.39 17.27
N ARG A 230 -13.12 -5.57 18.30
CA ARG A 230 -13.40 -4.90 19.57
C ARG A 230 -13.16 -3.40 19.47
N VAL A 231 -12.12 -2.98 18.73
CA VAL A 231 -11.88 -1.54 18.56
C VAL A 231 -13.11 -0.88 17.96
N THR A 232 -13.62 -1.46 16.87
CA THR A 232 -14.65 -0.79 16.07
C THR A 232 -15.98 -0.75 16.81
N SER A 233 -16.29 -1.80 17.57
CA SER A 233 -17.50 -1.84 18.37
C SER A 233 -17.40 -1.01 19.65
N GLY A 234 -16.31 -0.27 19.82
CA GLY A 234 -16.12 0.57 20.99
C GLY A 234 -15.43 -0.09 22.16
N VAL A 235 -15.03 -1.35 22.03
CA VAL A 235 -14.42 -2.09 23.14
C VAL A 235 -12.92 -1.88 23.08
N LYS A 236 -12.40 -1.09 24.01
CA LYS A 236 -10.97 -0.83 24.11
C LYS A 236 -10.28 -2.05 24.69
N PRO A 237 -8.94 -2.06 24.77
CA PRO A 237 -8.26 -3.14 25.48
C PRO A 237 -8.76 -3.26 26.90
N ALA A 238 -8.75 -4.48 27.43
CA ALA A 238 -9.16 -4.71 28.81
C ALA A 238 -8.24 -3.97 29.77
N SER A 239 -6.96 -3.85 29.44
CA SER A 239 -6.02 -3.14 30.30
C SER A 239 -6.27 -1.65 30.34
N PHE A 240 -6.95 -1.10 29.34
CA PHE A 240 -7.26 0.33 29.34
C PHE A 240 -8.04 0.72 30.60
N ASP A 241 -9.05 -0.06 30.95
CA ASP A 241 -9.85 0.16 32.15
C ASP A 241 -9.05 -0.12 33.43
N LYS A 242 -7.75 -0.38 33.36
CA LYS A 242 -6.91 -0.60 34.52
C LYS A 242 -5.91 0.52 34.75
N VAL A 243 -5.84 1.51 33.87
CA VAL A 243 -4.94 2.65 34.07
C VAL A 243 -5.43 3.45 35.27
N ALA A 244 -4.57 3.60 36.26
CA ALA A 244 -4.94 4.22 37.53
C ALA A 244 -4.73 5.73 37.56
N ILE A 245 -4.02 6.28 36.58
CA ILE A 245 -3.76 7.72 36.52
C ILE A 245 -4.73 8.33 35.51
N PRO A 246 -5.69 9.15 35.93
CA PRO A 246 -6.70 9.67 34.98
C PRO A 246 -6.09 10.46 33.83
N GLU A 247 -5.08 11.28 34.11
CA GLU A 247 -4.43 12.04 33.03
C GLU A 247 -3.76 11.10 32.04
N VAL A 248 -3.12 10.03 32.52
CA VAL A 248 -2.53 9.05 31.63
C VAL A 248 -3.60 8.34 30.81
N LYS A 249 -4.68 7.93 31.48
CA LYS A 249 -5.78 7.26 30.79
C LYS A 249 -6.43 8.18 29.76
N GLU A 250 -6.47 9.49 30.05
CA GLU A 250 -7.07 10.42 29.10
C GLU A 250 -6.20 10.59 27.85
N ILE A 251 -4.88 10.57 28.02
CA ILE A 251 -3.97 10.68 26.89
C ILE A 251 -4.08 9.45 25.99
N ILE A 252 -4.08 8.27 26.59
CA ILE A 252 -4.19 7.03 25.81
C ILE A 252 -5.49 7.02 25.01
N GLU A 253 -6.60 7.39 25.67
CA GLU A 253 -7.90 7.41 24.99
C GLU A 253 -7.87 8.32 23.77
N GLY A 254 -7.28 9.51 23.91
CA GLY A 254 -7.18 10.43 22.79
C GLY A 254 -6.26 9.96 21.68
N CYS A 255 -5.45 8.94 21.93
CA CYS A 255 -4.55 8.40 20.92
C CYS A 255 -5.12 7.21 20.16
N ILE A 256 -5.90 6.37 20.82
CA ILE A 256 -6.41 5.16 20.20
C ILE A 256 -7.86 5.31 19.76
N ARG A 257 -8.32 6.55 19.53
CA ARG A 257 -9.68 6.76 19.04
C ARG A 257 -9.83 6.16 17.65
N GLN A 258 -10.97 5.50 17.43
CA GLN A 258 -11.19 4.76 16.18
C GLN A 258 -11.11 5.67 14.97
N ASN A 259 -11.66 6.88 15.08
CA ASN A 259 -11.64 7.84 13.98
C ASN A 259 -10.36 8.69 14.10
N LYS A 260 -9.55 8.68 13.05
CA LYS A 260 -8.25 9.35 13.11
C LYS A 260 -8.40 10.85 13.34
N ASP A 261 -9.43 11.47 12.74
CA ASP A 261 -9.60 12.91 12.87
C ASP A 261 -9.88 13.34 14.30
N GLU A 262 -10.30 12.41 15.16
CA GLU A 262 -10.57 12.73 16.56
C GLU A 262 -9.34 12.60 17.44
N ARG A 263 -8.22 12.11 16.91
CA ARG A 263 -7.06 11.80 17.71
C ARG A 263 -6.18 13.02 17.93
N TYR A 264 -5.34 12.94 18.95
CA TYR A 264 -4.22 13.86 19.10
C TYR A 264 -3.32 13.82 17.87
N SER A 265 -2.72 14.97 17.56
CA SER A 265 -1.51 14.95 16.76
C SER A 265 -0.30 14.94 17.69
N ILE A 266 0.88 14.68 17.13
CA ILE A 266 2.09 14.61 17.94
C ILE A 266 2.37 15.94 18.61
N LYS A 267 2.18 17.05 17.88
CA LYS A 267 2.43 18.36 18.46
C LYS A 267 1.45 18.66 19.59
N ASP A 268 0.19 18.24 19.43
CA ASP A 268 -0.78 18.42 20.51
C ASP A 268 -0.38 17.66 21.76
N LEU A 269 0.20 16.46 21.58
CA LEU A 269 0.65 15.68 22.73
C LEU A 269 1.83 16.34 23.44
N LEU A 270 2.77 16.88 22.66
CA LEU A 270 3.91 17.56 23.25
C LEU A 270 3.51 18.84 23.98
N ASN A 271 2.39 19.45 23.61
CA ASN A 271 1.86 20.61 24.31
C ASN A 271 0.95 20.24 25.47
N HIS A 272 0.78 18.95 25.75
CA HIS A 272 -0.09 18.53 26.84
C HIS A 272 0.55 18.87 28.18
N ALA A 273 -0.28 19.24 29.16
CA ALA A 273 0.23 19.57 30.49
C ALA A 273 1.05 18.43 31.06
N PHE A 274 0.68 17.18 30.75
CA PHE A 274 1.41 16.03 31.28
C PHE A 274 2.86 16.00 30.80
N PHE A 275 3.09 16.30 29.53
CA PHE A 275 4.45 16.31 29.00
C PHE A 275 5.10 17.69 29.09
N GLN A 276 4.33 18.73 29.35
CA GLN A 276 4.90 20.05 29.62
C GLN A 276 5.47 20.14 31.03
N GLU A 277 5.04 19.27 31.94
CA GLU A 277 5.79 19.08 33.19
C GLU A 277 7.23 18.74 32.85
N GLU A 278 8.17 19.37 33.54
CA GLU A 278 9.58 19.20 33.24
C GLU A 278 10.31 18.38 34.30
N THR A 279 9.58 17.85 35.24
CA THR A 279 10.14 17.15 36.35
C THR A 279 9.85 15.65 36.27
N LEU B 3 3.12 5.24 -46.71
CA LEU B 3 2.46 6.26 -45.89
C LEU B 3 3.39 6.78 -44.82
N GLU B 4 4.58 6.18 -44.72
CA GLU B 4 5.53 6.54 -43.68
C GLU B 4 5.91 8.02 -43.74
N THR B 5 5.74 8.67 -44.90
CA THR B 5 5.99 10.10 -45.01
C THR B 5 4.86 10.94 -44.42
N LYS B 6 3.70 10.34 -44.14
CA LYS B 6 2.63 11.03 -43.44
C LYS B 6 2.74 10.89 -41.93
N ALA B 7 3.55 9.96 -41.45
CA ALA B 7 3.71 9.77 -40.01
C ALA B 7 4.48 10.94 -39.41
N VAL B 8 4.18 11.22 -38.15
CA VAL B 8 4.83 12.29 -37.40
C VAL B 8 5.67 11.73 -36.26
N GLY B 9 5.95 10.42 -36.29
CA GLY B 9 6.70 9.77 -35.24
C GLY B 9 6.81 8.28 -35.49
N MET B 10 7.80 7.63 -34.86
CA MET B 10 8.02 6.21 -35.09
C MET B 10 8.74 5.63 -33.89
N SER B 11 8.56 4.32 -33.70
CA SER B 11 9.38 3.62 -32.73
C SER B 11 10.77 3.37 -33.31
N ASN B 12 11.72 3.04 -32.42
CA ASN B 12 13.11 2.88 -32.84
C ASN B 12 13.25 1.74 -33.84
N ASP B 13 12.65 0.59 -33.55
CA ASP B 13 12.71 -0.54 -34.47
C ASP B 13 11.85 -0.33 -35.72
N GLY B 14 11.24 0.84 -35.87
CA GLY B 14 10.44 1.14 -37.04
C GLY B 14 9.13 0.39 -37.12
N ARG B 15 8.69 -0.26 -36.05
CA ARG B 15 7.49 -1.09 -36.14
C ARG B 15 6.22 -0.26 -36.07
N PHE B 16 6.19 0.77 -35.22
CA PHE B 16 4.98 1.54 -34.96
C PHE B 16 5.12 2.96 -35.51
N LEU B 17 4.12 3.40 -36.25
CA LEU B 17 4.05 4.75 -36.79
C LEU B 17 2.97 5.54 -36.07
N LYS B 18 3.23 6.83 -35.86
CA LYS B 18 2.28 7.73 -35.24
C LYS B 18 1.77 8.74 -36.25
N PHE B 19 0.46 9.00 -36.24
CA PHE B 19 -0.14 10.00 -37.10
C PHE B 19 -0.80 11.09 -36.27
N ASP B 20 -0.91 12.27 -36.88
CA ASP B 20 -1.43 13.46 -36.19
C ASP B 20 -2.96 13.44 -36.18
N ILE B 21 -3.51 12.36 -35.63
CA ILE B 21 -4.95 12.17 -35.51
C ILE B 21 -5.22 11.74 -34.08
N GLU B 22 -5.74 12.67 -33.26
CA GLU B 22 -6.09 12.37 -31.88
C GLU B 22 -7.46 11.69 -31.85
N ILE B 23 -7.50 10.46 -31.35
CA ILE B 23 -8.73 9.69 -31.27
C ILE B 23 -9.18 9.49 -29.83
N GLY B 24 -8.53 10.16 -28.88
CA GLY B 24 -8.89 10.03 -27.49
C GLY B 24 -8.17 11.05 -26.62
N ARG B 25 -8.88 11.67 -25.69
CA ARG B 25 -8.30 12.71 -24.84
C ARG B 25 -8.78 12.51 -23.41
N GLY B 26 -7.87 12.10 -22.53
CA GLY B 26 -8.11 12.08 -21.11
C GLY B 26 -7.38 13.21 -20.41
N SER B 27 -7.57 13.26 -19.09
CA SER B 27 -6.91 14.31 -18.31
C SER B 27 -5.40 14.13 -18.31
N PHE B 28 -4.92 12.90 -18.34
CA PHE B 28 -3.50 12.62 -18.17
C PHE B 28 -2.91 11.90 -19.39
N LYS B 29 -3.60 11.91 -20.52
CA LYS B 29 -3.06 11.32 -21.73
C LYS B 29 -3.77 11.85 -22.97
N THR B 30 -3.09 11.73 -24.10
CA THR B 30 -3.66 11.94 -25.42
C THR B 30 -3.39 10.70 -26.26
N VAL B 31 -4.44 10.12 -26.83
CA VAL B 31 -4.34 8.93 -27.65
C VAL B 31 -4.36 9.35 -29.12
N TYR B 32 -3.34 8.93 -29.86
CA TYR B 32 -3.23 9.19 -31.28
C TYR B 32 -3.45 7.90 -32.06
N LYS B 33 -3.95 8.04 -33.30
CA LYS B 33 -4.04 6.89 -34.18
C LYS B 33 -2.64 6.48 -34.61
N GLY B 34 -2.34 5.19 -34.45
CA GLY B 34 -1.06 4.64 -34.84
C GLY B 34 -1.24 3.44 -35.73
N LEU B 35 -0.13 2.96 -36.28
CA LEU B 35 -0.17 1.85 -37.23
C LEU B 35 0.98 0.90 -36.96
N ASP B 36 0.66 -0.40 -36.89
CA ASP B 36 1.65 -1.46 -36.74
C ASP B 36 2.05 -1.92 -38.12
N THR B 37 3.27 -1.58 -38.54
CA THR B 37 3.75 -1.96 -39.87
C THR B 37 3.99 -3.47 -39.99
N GLU B 38 4.03 -4.19 -38.87
CA GLU B 38 4.24 -5.63 -38.94
C GLU B 38 2.97 -6.36 -39.35
N THR B 39 1.81 -5.92 -38.83
CA THR B 39 0.54 -6.58 -39.09
C THR B 39 -0.44 -5.69 -39.84
N THR B 40 -0.09 -4.43 -40.12
CA THR B 40 -0.91 -3.42 -40.76
C THR B 40 -2.08 -2.96 -39.91
N VAL B 41 -2.18 -3.41 -38.66
CA VAL B 41 -3.34 -3.08 -37.82
C VAL B 41 -3.14 -1.71 -37.19
N GLU B 42 -4.25 -0.99 -37.03
CA GLU B 42 -4.22 0.25 -36.27
C GLU B 42 -4.04 -0.05 -34.79
N VAL B 43 -3.25 0.80 -34.11
CA VAL B 43 -3.03 0.67 -32.68
C VAL B 43 -3.25 2.03 -32.03
N ALA B 44 -3.28 2.03 -30.71
CA ALA B 44 -3.46 3.25 -29.92
C ALA B 44 -2.09 3.72 -29.46
N TRP B 45 -1.68 4.88 -29.97
CA TRP B 45 -0.41 5.52 -29.59
C TRP B 45 -0.74 6.51 -28.48
N CYS B 46 -0.42 6.13 -27.25
CA CYS B 46 -0.77 6.92 -26.07
C CYS B 46 0.46 7.67 -25.56
N GLU B 47 0.33 8.98 -25.41
CA GLU B 47 1.37 9.84 -24.87
C GLU B 47 0.90 10.39 -23.52
N LEU B 48 1.65 10.09 -22.48
CA LEU B 48 1.29 10.37 -21.10
C LEU B 48 2.07 11.59 -20.60
N GLN B 49 1.39 12.48 -19.87
CA GLN B 49 1.98 13.74 -19.45
C GLN B 49 3.32 13.54 -18.74
N ASP B 50 4.18 14.55 -18.83
CA ASP B 50 5.49 14.51 -18.20
C ASP B 50 5.37 14.20 -16.72
N ARG B 51 6.29 13.37 -16.21
CA ARG B 51 6.25 12.94 -14.83
C ARG B 51 7.66 12.86 -14.28
N LYS B 52 7.78 13.17 -12.99
CA LYS B 52 9.04 13.09 -12.29
C LYS B 52 9.23 11.67 -11.76
N LEU B 53 10.26 10.98 -12.26
CA LEU B 53 10.53 9.60 -11.87
C LEU B 53 11.96 9.48 -11.40
N THR B 54 12.16 8.84 -10.25
CA THR B 54 13.49 8.52 -9.76
C THR B 54 14.03 7.29 -10.48
N LYS B 55 15.31 7.00 -10.26
CA LYS B 55 15.96 5.89 -10.95
C LYS B 55 15.26 4.56 -10.66
N SER B 56 14.96 4.29 -9.39
CA SER B 56 14.27 3.05 -9.05
C SER B 56 12.87 3.02 -9.66
N GLU B 57 12.19 4.16 -9.70
CA GLU B 57 10.85 4.20 -10.27
C GLU B 57 10.89 4.04 -11.79
N ARG B 58 11.92 4.59 -12.45
CA ARG B 58 12.08 4.34 -13.88
C ARG B 58 12.33 2.87 -14.15
N GLN B 59 13.20 2.24 -13.34
CA GLN B 59 13.48 0.83 -13.52
C GLN B 59 12.23 -0.02 -13.27
N ARG B 60 11.45 0.33 -12.25
CA ARG B 60 10.21 -0.39 -11.98
C ARG B 60 9.27 -0.34 -13.17
N PHE B 61 9.13 0.84 -13.78
CA PHE B 61 8.25 0.99 -14.94
C PHE B 61 8.69 0.11 -16.10
N LYS B 62 10.00 0.09 -16.39
CA LYS B 62 10.51 -0.75 -17.46
C LYS B 62 10.42 -2.24 -17.14
N GLU B 63 10.43 -2.61 -15.85
CA GLU B 63 10.16 -3.99 -15.48
C GLU B 63 8.69 -4.33 -15.63
N GLU B 64 7.81 -3.41 -15.22
CA GLU B 64 6.39 -3.65 -15.35
C GLU B 64 5.94 -3.60 -16.80
N ALA B 65 6.62 -2.79 -17.63
CA ALA B 65 6.32 -2.75 -19.05
C ALA B 65 6.59 -4.11 -19.70
N GLU B 66 7.73 -4.71 -19.39
CA GLU B 66 8.06 -6.01 -19.97
C GLU B 66 7.10 -7.09 -19.48
N MET B 67 6.60 -6.97 -18.25
CA MET B 67 5.58 -7.91 -17.79
C MET B 67 4.27 -7.71 -18.54
N LEU B 68 3.90 -6.46 -18.82
CA LEU B 68 2.65 -6.18 -19.53
C LEU B 68 2.69 -6.72 -20.94
N LYS B 69 3.84 -6.64 -21.60
CA LYS B 69 3.96 -7.15 -22.96
C LYS B 69 3.77 -8.65 -23.03
N GLY B 70 4.12 -9.36 -21.95
CA GLY B 70 3.97 -10.81 -21.90
C GLY B 70 2.55 -11.31 -21.71
N LEU B 71 1.61 -10.42 -21.43
CA LEU B 71 0.22 -10.81 -21.24
C LEU B 71 -0.47 -10.96 -22.60
N GLN B 72 -1.18 -12.08 -22.78
CA GLN B 72 -2.01 -12.27 -23.97
C GLN B 72 -3.22 -13.09 -23.56
N HIS B 73 -4.39 -12.47 -23.55
CA HIS B 73 -5.63 -13.12 -23.19
C HIS B 73 -6.74 -12.50 -24.01
N PRO B 74 -7.72 -13.30 -24.44
CA PRO B 74 -8.80 -12.74 -25.29
C PRO B 74 -9.59 -11.63 -24.63
N ASN B 75 -9.61 -11.55 -23.31
CA ASN B 75 -10.43 -10.54 -22.63
C ASN B 75 -9.59 -9.48 -21.93
N ILE B 76 -8.34 -9.31 -22.34
CA ILE B 76 -7.47 -8.24 -21.87
C ILE B 76 -6.96 -7.47 -23.07
N VAL B 77 -7.10 -6.14 -23.04
CA VAL B 77 -6.51 -5.29 -24.06
C VAL B 77 -5.01 -5.56 -24.16
N ARG B 78 -4.52 -5.70 -25.39
CA ARG B 78 -3.12 -6.03 -25.60
C ARG B 78 -2.22 -4.82 -25.38
N PHE B 79 -1.08 -5.05 -24.73
CA PHE B 79 -0.04 -4.05 -24.50
C PHE B 79 1.16 -4.44 -25.35
N TYR B 80 1.59 -3.53 -26.23
CA TYR B 80 2.61 -3.86 -27.22
C TYR B 80 4.01 -3.41 -26.85
N ASP B 81 4.19 -2.16 -26.43
CA ASP B 81 5.52 -1.65 -26.11
C ASP B 81 5.37 -0.30 -25.40
N SER B 82 6.49 0.15 -24.84
CA SER B 82 6.55 1.43 -24.14
C SER B 82 7.97 1.98 -24.23
N TRP B 83 8.08 3.29 -24.34
CA TRP B 83 9.38 3.97 -24.34
C TRP B 83 9.17 5.39 -23.89
N GLU B 84 10.28 6.09 -23.66
CA GLU B 84 10.26 7.47 -23.21
C GLU B 84 10.65 8.38 -24.37
N SER B 85 9.83 9.41 -24.62
CA SER B 85 10.06 10.34 -25.71
C SER B 85 9.97 11.76 -25.19
N THR B 86 10.71 12.66 -25.83
CA THR B 86 10.71 14.07 -25.47
C THR B 86 9.61 14.79 -26.23
N VAL B 87 8.65 15.35 -25.49
CA VAL B 87 7.56 16.12 -26.07
C VAL B 87 7.65 17.54 -25.54
N LYS B 88 7.82 18.50 -26.45
CA LYS B 88 7.92 19.92 -26.12
C LYS B 88 8.99 20.17 -25.06
N GLY B 89 10.11 19.48 -25.18
CA GLY B 89 11.19 19.60 -24.20
C GLY B 89 10.91 18.84 -22.92
N CYS B 92 8.34 12.53 -21.85
CA CYS B 92 7.05 11.86 -21.76
C CYS B 92 7.20 10.36 -22.00
N ILE B 93 6.17 9.59 -21.68
CA ILE B 93 6.17 8.14 -21.89
C ILE B 93 5.14 7.82 -22.96
N VAL B 94 5.54 6.98 -23.92
CA VAL B 94 4.67 6.53 -24.99
C VAL B 94 4.27 5.09 -24.70
N LEU B 95 2.99 4.79 -24.82
CA LEU B 95 2.46 3.44 -24.69
C LEU B 95 1.73 3.08 -25.98
N VAL B 96 2.05 1.91 -26.54
CA VAL B 96 1.37 1.37 -27.71
C VAL B 96 0.52 0.19 -27.25
N THR B 97 -0.80 0.29 -27.46
CA THR B 97 -1.73 -0.75 -27.03
C THR B 97 -2.71 -1.04 -28.14
N GLU B 98 -3.38 -2.19 -28.01
CA GLU B 98 -4.46 -2.57 -28.91
C GLU B 98 -5.53 -1.47 -28.96
N LEU B 99 -5.93 -1.11 -30.18
CA LEU B 99 -6.93 -0.07 -30.40
C LEU B 99 -8.31 -0.69 -30.38
N MET B 100 -9.19 -0.15 -29.54
CA MET B 100 -10.54 -0.68 -29.38
C MET B 100 -11.52 0.09 -30.27
N THR B 101 -12.14 -0.63 -31.21
CA THR B 101 -12.91 -0.02 -32.28
C THR B 101 -14.30 0.43 -31.86
N SER B 102 -14.95 -0.28 -30.93
CA SER B 102 -16.34 -0.03 -30.58
C SER B 102 -16.47 0.75 -29.28
N GLY B 103 -15.37 1.27 -28.75
CA GLY B 103 -15.41 2.08 -27.56
C GLY B 103 -15.66 1.28 -26.28
N THR B 104 -16.03 2.02 -25.25
CA THR B 104 -16.18 1.47 -23.91
C THR B 104 -17.57 0.88 -23.69
N LEU B 105 -17.64 -0.03 -22.72
CA LEU B 105 -18.93 -0.58 -22.33
C LEU B 105 -19.83 0.50 -21.74
N LYS B 106 -19.24 1.44 -21.01
CA LYS B 106 -19.98 2.58 -20.47
C LYS B 106 -20.76 3.30 -21.58
N THR B 107 -20.04 3.75 -22.61
CA THR B 107 -20.67 4.38 -23.77
C THR B 107 -21.78 3.51 -24.35
N TYR B 108 -21.60 2.19 -24.32
CA TYR B 108 -22.51 1.28 -25.00
C TYR B 108 -23.85 1.20 -24.27
N LEU B 109 -23.85 1.11 -22.94
CA LEU B 109 -25.07 0.89 -22.18
C LEU B 109 -25.79 2.18 -21.77
N LYS B 110 -25.22 3.35 -22.07
CA LYS B 110 -25.88 4.61 -21.78
C LYS B 110 -26.95 4.96 -22.82
N ARG B 111 -27.15 4.12 -23.82
CA ARG B 111 -28.14 4.38 -24.85
C ARG B 111 -29.38 3.49 -24.75
N PHE B 112 -29.33 2.45 -23.93
CA PHE B 112 -30.45 1.55 -23.72
C PHE B 112 -30.73 1.40 -22.23
N LYS B 113 -31.94 0.95 -21.91
CA LYS B 113 -32.38 0.85 -20.52
C LYS B 113 -32.40 -0.56 -19.97
N VAL B 114 -32.41 -1.59 -20.83
CA VAL B 114 -32.47 -2.98 -20.38
C VAL B 114 -31.52 -3.81 -21.24
N MET B 115 -30.54 -4.45 -20.63
CA MET B 115 -29.64 -5.37 -21.31
C MET B 115 -30.24 -6.78 -21.29
N LYS B 116 -30.17 -7.47 -22.42
CA LYS B 116 -30.70 -8.81 -22.50
C LYS B 116 -29.94 -9.74 -21.57
N ILE B 117 -30.68 -10.66 -20.94
CA ILE B 117 -30.08 -11.57 -19.97
C ILE B 117 -28.97 -12.38 -20.60
N LYS B 118 -29.14 -12.77 -21.88
CA LYS B 118 -28.12 -13.59 -22.52
C LYS B 118 -26.83 -12.79 -22.74
N VAL B 119 -26.96 -11.49 -23.04
CA VAL B 119 -25.78 -10.66 -23.24
C VAL B 119 -25.07 -10.40 -21.91
N LEU B 120 -25.84 -10.09 -20.86
CA LEU B 120 -25.23 -9.85 -19.55
C LEU B 120 -24.48 -11.06 -19.05
N ARG B 121 -25.05 -12.25 -19.24
CA ARG B 121 -24.37 -13.47 -18.83
C ARG B 121 -23.05 -13.64 -19.59
N SER B 122 -23.09 -13.42 -20.90
CA SER B 122 -21.90 -13.63 -21.72
C SER B 122 -20.82 -12.59 -21.42
N TRP B 123 -21.21 -11.32 -21.33
CA TRP B 123 -20.21 -10.27 -21.14
C TRP B 123 -19.62 -10.32 -19.73
N CYS B 124 -20.45 -10.59 -18.72
CA CYS B 124 -19.92 -10.71 -17.37
C CYS B 124 -19.00 -11.92 -17.22
N ARG B 125 -19.26 -12.99 -17.97
CA ARG B 125 -18.37 -14.14 -17.94
C ARG B 125 -17.01 -13.81 -18.52
N GLN B 126 -16.98 -13.06 -19.62
CA GLN B 126 -15.69 -12.67 -20.21
C GLN B 126 -14.93 -11.74 -19.28
N ILE B 127 -15.62 -10.86 -18.57
CA ILE B 127 -14.94 -9.99 -17.60
C ILE B 127 -14.33 -10.84 -16.49
N LEU B 128 -15.11 -11.78 -15.95
CA LEU B 128 -14.59 -12.67 -14.93
C LEU B 128 -13.41 -13.48 -15.43
N LYS B 129 -13.45 -13.88 -16.71
CA LYS B 129 -12.33 -14.60 -17.30
C LYS B 129 -11.09 -13.73 -17.40
N GLY B 130 -11.27 -12.46 -17.77
CA GLY B 130 -10.15 -11.55 -17.81
C GLY B 130 -9.54 -11.34 -16.43
N LEU B 131 -10.38 -11.20 -15.41
CA LEU B 131 -9.89 -11.01 -14.05
C LEU B 131 -9.20 -12.26 -13.53
N GLN B 132 -9.78 -13.44 -13.80
CA GLN B 132 -9.14 -14.68 -13.37
C GLN B 132 -7.75 -14.82 -13.96
N PHE B 133 -7.60 -14.48 -15.24
CA PHE B 133 -6.28 -14.45 -15.87
C PHE B 133 -5.31 -13.56 -15.08
N LEU B 134 -5.69 -12.30 -14.86
CA LEU B 134 -4.84 -11.38 -14.13
C LEU B 134 -4.50 -11.90 -12.74
N HIS B 135 -5.49 -12.47 -12.04
CA HIS B 135 -5.25 -12.91 -10.66
C HIS B 135 -4.40 -14.17 -10.58
N THR B 136 -4.25 -14.92 -11.67
CA THR B 136 -3.50 -16.17 -11.63
C THR B 136 -2.13 -16.06 -12.29
N ARG B 137 -1.71 -14.85 -12.69
CA ARG B 137 -0.33 -14.68 -13.13
C ARG B 137 0.61 -14.73 -11.93
N THR B 138 1.90 -14.76 -12.21
CA THR B 138 2.93 -14.82 -11.17
C THR B 138 3.85 -13.61 -11.29
N PRO B 139 3.74 -12.62 -10.39
CA PRO B 139 2.78 -12.56 -9.28
C PRO B 139 1.39 -12.15 -9.76
N PRO B 140 0.36 -12.40 -8.93
CA PRO B 140 -0.99 -12.00 -9.31
C PRO B 140 -1.08 -10.49 -9.52
N ILE B 141 -1.87 -10.11 -10.52
CA ILE B 141 -2.11 -8.71 -10.84
C ILE B 141 -3.49 -8.33 -10.35
N ILE B 142 -3.59 -7.23 -9.62
CA ILE B 142 -4.86 -6.69 -9.14
C ILE B 142 -5.14 -5.42 -9.95
N HIS B 143 -6.28 -5.41 -10.65
CA HIS B 143 -6.59 -4.29 -11.54
C HIS B 143 -6.77 -3.00 -10.76
N ARG B 144 -7.59 -3.04 -9.70
CA ARG B 144 -7.83 -1.92 -8.80
C ARG B 144 -8.68 -0.81 -9.41
N ASP B 145 -8.94 -0.84 -10.72
CA ASP B 145 -9.66 0.25 -11.38
C ASP B 145 -10.68 -0.30 -12.37
N LEU B 146 -11.34 -1.41 -12.03
CA LEU B 146 -12.33 -1.98 -12.93
C LEU B 146 -13.61 -1.14 -12.89
N LYS B 147 -14.06 -0.73 -14.06
CA LYS B 147 -15.30 0.01 -14.21
C LYS B 147 -15.74 -0.14 -15.66
N CYS B 148 -16.98 0.28 -15.93
CA CYS B 148 -17.50 0.13 -17.29
C CYS B 148 -16.76 1.01 -18.29
N ASP B 149 -16.06 2.06 -17.83
CA ASP B 149 -15.26 2.89 -18.72
C ASP B 149 -13.96 2.22 -19.11
N ASN B 150 -13.50 1.23 -18.34
CA ASN B 150 -12.26 0.50 -18.60
C ASN B 150 -12.53 -0.87 -19.18
N ILE B 151 -13.75 -1.14 -19.60
CA ILE B 151 -14.13 -2.37 -20.30
C ILE B 151 -14.51 -1.98 -21.72
N PHE B 152 -13.94 -2.67 -22.69
CA PHE B 152 -14.06 -2.28 -24.09
C PHE B 152 -14.72 -3.37 -24.91
N ILE B 153 -15.39 -2.95 -25.99
CA ILE B 153 -15.97 -3.87 -26.96
C ILE B 153 -15.20 -3.72 -28.26
N THR B 154 -14.93 -4.84 -28.92
CA THR B 154 -14.15 -4.81 -30.14
C THR B 154 -14.48 -6.02 -30.99
N GLY B 155 -14.06 -5.95 -32.26
CA GLY B 155 -14.15 -7.08 -33.16
C GLY B 155 -15.55 -7.33 -33.67
N PRO B 156 -15.66 -8.11 -34.75
CA PRO B 156 -16.99 -8.49 -35.24
C PRO B 156 -17.79 -9.30 -34.25
N THR B 157 -17.12 -10.15 -33.46
CA THR B 157 -17.80 -10.98 -32.48
C THR B 157 -18.36 -10.20 -31.30
N GLY B 158 -17.99 -8.94 -31.15
CA GLY B 158 -18.40 -8.20 -29.97
C GLY B 158 -17.76 -8.71 -28.71
N SER B 159 -16.46 -9.03 -28.75
CA SER B 159 -15.75 -9.48 -27.58
C SER B 159 -15.48 -8.31 -26.64
N VAL B 160 -15.50 -8.59 -25.35
CA VAL B 160 -15.24 -7.57 -24.33
C VAL B 160 -13.85 -7.81 -23.75
N LYS B 161 -13.12 -6.72 -23.53
CA LYS B 161 -11.74 -6.79 -23.05
C LYS B 161 -11.56 -5.76 -21.94
N ILE B 162 -10.93 -6.18 -20.86
CA ILE B 162 -10.56 -5.25 -19.78
C ILE B 162 -9.33 -4.47 -20.22
N GLY B 163 -9.37 -3.16 -20.07
CA GLY B 163 -8.24 -2.32 -20.43
C GLY B 163 -7.75 -1.45 -19.29
N ASP B 164 -6.78 -0.56 -19.60
CA ASP B 164 -6.28 0.44 -18.67
C ASP B 164 -5.77 -0.19 -17.37
N LEU B 165 -4.58 -0.77 -17.42
CA LEU B 165 -3.96 -1.37 -16.26
C LEU B 165 -3.03 -0.41 -15.53
N GLY B 166 -3.19 0.90 -15.75
CA GLY B 166 -2.26 1.86 -15.16
C GLY B 166 -2.29 1.88 -13.65
N LEU B 167 -3.46 1.69 -13.06
CA LEU B 167 -3.61 1.72 -11.60
C LEU B 167 -3.41 0.35 -10.96
N ALA B 168 -3.09 -0.67 -11.74
CA ALA B 168 -2.96 -2.02 -11.21
C ALA B 168 -1.77 -2.12 -10.25
N THR B 169 -1.71 -3.25 -9.55
CA THR B 169 -0.60 -3.52 -8.65
C THR B 169 -0.37 -5.02 -8.56
N LEU B 170 0.83 -5.40 -8.15
CA LEU B 170 1.18 -6.79 -7.94
C LEU B 170 0.86 -7.20 -6.51
N LYS B 171 0.26 -8.37 -6.37
CA LYS B 171 -0.02 -8.91 -5.05
C LYS B 171 1.25 -9.46 -4.42
N ARG B 172 1.42 -9.19 -3.13
CA ARG B 172 2.55 -9.70 -2.35
C ARG B 172 2.04 -10.23 -1.03
N ALA B 173 2.92 -10.89 -0.29
CA ALA B 173 2.57 -11.53 0.97
C ALA B 173 3.10 -10.79 2.19
N ASP B 174 3.65 -9.59 2.00
CA ASP B 174 4.24 -8.83 3.10
C ASP B 174 3.50 -7.51 3.26
N PHE B 175 3.30 -7.10 4.52
CA PHE B 175 2.70 -5.80 4.81
C PHE B 175 3.44 -4.68 4.09
N ALA B 176 4.76 -4.67 4.21
CA ALA B 176 5.61 -3.71 3.53
C ALA B 176 6.41 -4.42 2.44
N LYS B 177 6.66 -3.69 1.35
CA LYS B 177 7.28 -4.27 0.18
C LYS B 177 8.73 -4.68 0.47
N SER B 178 9.05 -5.93 0.14
CA SER B 178 10.41 -6.48 0.20
C SER B 178 10.98 -6.51 1.62
N VAL B 179 10.13 -6.45 2.64
CA VAL B 179 10.55 -6.53 4.04
C VAL B 179 9.55 -7.41 4.80
N ILE B 180 10.07 -8.30 5.63
CA ILE B 180 9.23 -9.19 6.43
C ILE B 180 8.86 -8.49 7.73
N GLY B 181 7.60 -8.60 8.10
CA GLY B 181 7.12 -8.08 9.37
C GLY B 181 5.69 -7.60 9.27
N THR B 182 4.98 -7.68 10.40
CA THR B 182 3.63 -7.18 10.53
C THR B 182 3.55 -6.34 11.79
N PRO B 183 3.06 -5.10 11.70
CA PRO B 183 2.92 -4.27 12.91
C PRO B 183 1.99 -4.91 13.93
N GLU B 184 2.30 -4.70 15.20
CA GLU B 184 1.50 -5.28 16.27
C GLU B 184 0.39 -4.37 16.76
N PHE B 185 0.57 -3.06 16.66
CA PHE B 185 -0.41 -2.09 17.14
C PHE B 185 -0.99 -1.34 15.94
N MET B 186 -1.83 -2.04 15.18
CA MET B 186 -2.41 -1.49 13.96
C MET B 186 -3.61 -0.62 14.27
N ALA B 187 -3.61 0.62 13.78
CA ALA B 187 -4.80 1.43 13.83
C ALA B 187 -5.88 0.80 12.95
N PRO B 188 -7.16 1.07 13.21
CA PRO B 188 -8.23 0.46 12.40
C PRO B 188 -8.06 0.69 10.91
N GLU B 189 -7.74 1.92 10.49
CA GLU B 189 -7.57 2.19 9.07
C GLU B 189 -6.39 1.44 8.48
N MET B 190 -5.39 1.12 9.30
CA MET B 190 -4.29 0.29 8.82
C MET B 190 -4.71 -1.16 8.70
N TYR B 191 -5.52 -1.65 9.63
CA TYR B 191 -6.09 -2.99 9.52
C TYR B 191 -6.92 -3.12 8.25
N ALA B 192 -7.86 -2.20 8.06
CA ALA B 192 -8.71 -2.18 6.89
C ALA B 192 -7.97 -1.83 5.61
N ALA B 193 -6.64 -1.65 5.66
CA ALA B 193 -5.85 -1.32 4.48
C ALA B 193 -5.13 -2.54 3.90
N ALA B 194 -5.55 -3.74 4.27
CA ALA B 194 -4.86 -4.96 3.85
C ALA B 194 -5.74 -5.72 2.87
N TYR B 195 -5.91 -5.15 1.68
CA TYR B 195 -6.80 -5.71 0.69
C TYR B 195 -6.06 -6.67 -0.25
N ASP B 196 -6.81 -7.32 -1.14
CA ASP B 196 -6.24 -8.21 -2.14
C ASP B 196 -7.10 -8.23 -3.40
N GLU B 197 -7.10 -9.36 -4.11
CA GLU B 197 -7.83 -9.46 -5.37
C GLU B 197 -9.34 -9.35 -5.18
N SER B 198 -9.84 -9.55 -3.96
CA SER B 198 -11.25 -9.32 -3.67
C SER B 198 -11.68 -7.90 -3.98
N VAL B 199 -10.72 -6.99 -4.16
CA VAL B 199 -11.02 -5.62 -4.53
C VAL B 199 -11.60 -5.56 -5.94
N ASP B 200 -11.12 -6.44 -6.84
CA ASP B 200 -11.68 -6.49 -8.17
C ASP B 200 -13.05 -7.17 -8.19
N VAL B 201 -13.28 -8.11 -7.27
CA VAL B 201 -14.58 -8.74 -7.16
C VAL B 201 -15.64 -7.71 -6.79
N TYR B 202 -15.34 -6.87 -5.80
CA TYR B 202 -16.24 -5.78 -5.44
C TYR B 202 -16.54 -4.90 -6.64
N ALA B 203 -15.51 -4.47 -7.37
CA ALA B 203 -15.73 -3.61 -8.53
C ALA B 203 -16.52 -4.32 -9.62
N PHE B 204 -16.27 -5.63 -9.79
CA PHE B 204 -17.05 -6.39 -10.75
C PHE B 204 -18.53 -6.40 -10.39
N GLY B 205 -18.83 -6.55 -9.10
CA GLY B 205 -20.21 -6.49 -8.67
C GLY B 205 -20.88 -5.19 -9.02
N MET B 206 -20.15 -4.08 -8.89
CA MET B 206 -20.71 -2.77 -9.24
C MET B 206 -20.88 -2.65 -10.75
N CYS B 207 -19.94 -3.19 -11.53
CA CYS B 207 -20.09 -3.21 -12.98
C CYS B 207 -21.33 -3.99 -13.39
N MET B 208 -21.50 -5.18 -12.81
CA MET B 208 -22.67 -6.00 -13.15
C MET B 208 -23.95 -5.30 -12.74
N LEU B 209 -23.96 -4.67 -11.56
CA LEU B 209 -25.13 -3.92 -11.13
C LEU B 209 -25.46 -2.79 -12.10
N GLU B 210 -24.42 -2.10 -12.59
CA GLU B 210 -24.64 -1.05 -13.59
C GLU B 210 -25.20 -1.61 -14.88
N MET B 211 -24.67 -2.75 -15.33
CA MET B 211 -25.16 -3.36 -16.57
C MET B 211 -26.59 -3.86 -16.43
N ALA B 212 -26.96 -4.35 -15.24
CA ALA B 212 -28.28 -4.90 -15.01
C ALA B 212 -29.34 -3.85 -14.72
N THR B 213 -28.96 -2.58 -14.59
CA THR B 213 -29.91 -1.51 -14.29
C THR B 213 -29.78 -0.30 -15.19
N SER B 214 -28.71 -0.18 -15.97
CA SER B 214 -28.47 0.95 -16.87
C SER B 214 -28.49 2.28 -16.11
N GLU B 215 -27.94 2.27 -14.90
CA GLU B 215 -27.74 3.51 -14.15
C GLU B 215 -26.54 3.33 -13.24
N TYR B 216 -25.99 4.46 -12.79
CA TYR B 216 -24.73 4.46 -12.07
C TYR B 216 -24.96 4.07 -10.62
N PRO B 217 -24.20 3.11 -10.08
CA PRO B 217 -24.33 2.75 -8.67
C PRO B 217 -24.08 3.95 -7.76
N TYR B 218 -24.94 4.10 -6.75
CA TYR B 218 -24.84 5.18 -5.78
C TYR B 218 -24.94 6.56 -6.44
N SER B 219 -25.70 6.66 -7.54
CA SER B 219 -25.89 7.97 -8.18
C SER B 219 -26.49 8.98 -7.22
N GLU B 220 -27.19 8.52 -6.18
CA GLU B 220 -27.78 9.40 -5.18
C GLU B 220 -26.76 10.12 -4.33
N CYS B 221 -25.49 9.73 -4.38
CA CYS B 221 -24.46 10.38 -3.58
C CYS B 221 -23.75 11.46 -4.38
N GLN B 222 -23.21 12.44 -3.67
CA GLN B 222 -22.54 13.56 -4.31
C GLN B 222 -21.02 13.42 -4.37
N ASN B 223 -20.43 12.57 -3.55
CA ASN B 223 -18.98 12.39 -3.57
C ASN B 223 -18.64 11.02 -3.00
N ALA B 224 -17.35 10.68 -3.05
CA ALA B 224 -16.87 9.38 -2.58
C ALA B 224 -17.02 9.24 -1.07
N ALA B 225 -16.86 10.33 -0.33
CA ALA B 225 -16.99 10.26 1.13
C ALA B 225 -18.39 9.83 1.53
N GLN B 226 -19.42 10.32 0.83
CA GLN B 226 -20.79 9.92 1.12
C GLN B 226 -21.01 8.45 0.76
N ILE B 227 -20.39 7.97 -0.32
CA ILE B 227 -20.54 6.56 -0.69
C ILE B 227 -19.90 5.67 0.37
N TYR B 228 -18.68 6.01 0.81
CA TYR B 228 -18.04 5.23 1.87
C TYR B 228 -18.91 5.16 3.10
N ARG B 229 -19.50 6.29 3.50
CA ARG B 229 -20.38 6.31 4.66
C ARG B 229 -21.54 5.34 4.49
N ARG B 230 -22.13 5.32 3.29
CA ARG B 230 -23.26 4.43 3.03
C ARG B 230 -22.82 2.97 3.02
N VAL B 231 -21.67 2.67 2.40
CA VAL B 231 -21.23 1.29 2.29
C VAL B 231 -20.95 0.71 3.68
N THR B 232 -20.28 1.48 4.54
CA THR B 232 -19.94 0.99 5.87
C THR B 232 -21.14 0.95 6.81
N SER B 233 -22.26 1.56 6.43
CA SER B 233 -23.51 1.43 7.15
C SER B 233 -24.39 0.32 6.57
N GLY B 234 -23.83 -0.59 5.79
CA GLY B 234 -24.63 -1.61 5.15
C GLY B 234 -25.74 -1.09 4.28
N VAL B 235 -25.62 0.12 3.76
CA VAL B 235 -26.66 0.71 2.90
C VAL B 235 -26.25 0.50 1.45
N LYS B 236 -26.99 -0.35 0.76
CA LYS B 236 -26.74 -0.70 -0.63
C LYS B 236 -26.91 0.52 -1.53
N PRO B 237 -26.48 0.41 -2.78
CA PRO B 237 -26.94 1.39 -3.78
C PRO B 237 -28.45 1.32 -3.94
N ALA B 238 -29.06 2.48 -4.15
CA ALA B 238 -30.50 2.51 -4.39
C ALA B 238 -30.89 1.71 -5.62
N SER B 239 -29.99 1.61 -6.60
CA SER B 239 -30.28 0.82 -7.79
C SER B 239 -30.29 -0.67 -7.51
N PHE B 240 -29.69 -1.12 -6.40
CA PHE B 240 -29.57 -2.54 -6.13
C PHE B 240 -30.94 -3.21 -6.05
N ASP B 241 -31.92 -2.53 -5.49
CA ASP B 241 -33.25 -3.11 -5.35
C ASP B 241 -34.09 -2.98 -6.62
N LYS B 242 -33.55 -2.35 -7.67
CA LYS B 242 -34.21 -2.32 -8.96
C LYS B 242 -33.71 -3.41 -9.90
N VAL B 243 -32.84 -4.30 -9.41
CA VAL B 243 -32.38 -5.43 -10.20
C VAL B 243 -33.54 -6.39 -10.41
N ALA B 244 -33.78 -6.75 -11.67
CA ALA B 244 -34.97 -7.54 -12.01
C ALA B 244 -34.73 -9.04 -11.87
N ILE B 245 -33.56 -9.52 -12.30
CA ILE B 245 -33.28 -10.95 -12.28
C ILE B 245 -32.80 -11.35 -10.89
N PRO B 246 -33.52 -12.23 -10.18
CA PRO B 246 -33.11 -12.57 -8.81
C PRO B 246 -31.74 -13.19 -8.71
N GLU B 247 -31.41 -14.13 -9.62
CA GLU B 247 -30.09 -14.75 -9.62
C GLU B 247 -28.98 -13.72 -9.81
N VAL B 248 -29.25 -12.67 -10.60
CA VAL B 248 -28.27 -11.60 -10.77
C VAL B 248 -28.15 -10.78 -9.49
N LYS B 249 -29.28 -10.48 -8.85
CA LYS B 249 -29.25 -9.76 -7.58
C LYS B 249 -28.42 -10.50 -6.54
N GLU B 250 -28.54 -11.84 -6.49
CA GLU B 250 -27.79 -12.63 -5.54
C GLU B 250 -26.28 -12.54 -5.79
N ILE B 251 -25.89 -12.56 -7.06
CA ILE B 251 -24.46 -12.50 -7.40
C ILE B 251 -23.87 -11.15 -6.99
N ILE B 252 -24.55 -10.05 -7.37
CA ILE B 252 -24.09 -8.72 -6.99
C ILE B 252 -23.93 -8.62 -5.48
N GLU B 253 -24.95 -9.06 -4.74
CA GLU B 253 -24.90 -8.99 -3.28
C GLU B 253 -23.68 -9.72 -2.75
N GLY B 254 -23.38 -10.90 -3.30
CA GLY B 254 -22.21 -11.65 -2.87
C GLY B 254 -20.89 -11.01 -3.25
N CYS B 255 -20.91 -10.11 -4.23
CA CYS B 255 -19.69 -9.43 -4.65
C CYS B 255 -19.41 -8.15 -3.87
N ILE B 256 -20.45 -7.46 -3.41
CA ILE B 256 -20.28 -6.12 -2.84
C ILE B 256 -20.47 -6.12 -1.32
N ARG B 257 -20.33 -7.26 -0.66
CA ARG B 257 -20.36 -7.27 0.80
C ARG B 257 -19.18 -6.49 1.36
N GLN B 258 -19.41 -5.76 2.45
CA GLN B 258 -18.38 -4.87 2.99
C GLN B 258 -17.18 -5.64 3.53
N ASN B 259 -17.40 -6.83 4.09
CA ASN B 259 -16.30 -7.67 4.54
C ASN B 259 -15.71 -8.41 3.33
N LYS B 260 -14.44 -8.14 3.02
CA LYS B 260 -13.80 -8.73 1.87
C LYS B 260 -13.76 -10.25 1.96
N ASP B 261 -13.63 -10.80 3.17
CA ASP B 261 -13.55 -12.24 3.36
C ASP B 261 -14.86 -12.95 3.04
N GLU B 262 -15.97 -12.22 2.98
CA GLU B 262 -17.28 -12.81 2.73
C GLU B 262 -17.68 -12.75 1.26
N ARG B 263 -16.86 -12.16 0.40
CA ARG B 263 -17.19 -12.04 -1.01
C ARG B 263 -16.93 -13.35 -1.76
N TYR B 264 -17.63 -13.51 -2.87
CA TYR B 264 -17.34 -14.60 -3.80
C TYR B 264 -15.88 -14.56 -4.22
N SER B 265 -15.34 -15.73 -4.53
CA SER B 265 -14.14 -15.80 -5.34
C SER B 265 -14.54 -15.83 -6.81
N ILE B 266 -13.59 -15.48 -7.68
CA ILE B 266 -13.85 -15.56 -9.12
C ILE B 266 -14.14 -16.99 -9.53
N LYS B 267 -13.42 -17.95 -8.96
CA LYS B 267 -13.67 -19.36 -9.24
C LYS B 267 -15.10 -19.75 -8.86
N ASP B 268 -15.57 -19.28 -7.72
CA ASP B 268 -16.94 -19.60 -7.30
C ASP B 268 -17.96 -18.88 -8.15
N LEU B 269 -17.65 -17.67 -8.62
CA LEU B 269 -18.58 -16.95 -9.50
C LEU B 269 -18.74 -17.68 -10.83
N LEU B 270 -17.64 -18.12 -11.42
CA LEU B 270 -17.71 -18.80 -12.71
C LEU B 270 -18.43 -20.13 -12.61
N ASN B 271 -18.42 -20.75 -11.43
CA ASN B 271 -19.14 -22.00 -11.19
C ASN B 271 -20.57 -21.76 -10.72
N HIS B 272 -20.98 -20.52 -10.55
CA HIS B 272 -22.35 -20.22 -10.15
C HIS B 272 -23.32 -20.66 -11.24
N ALA B 273 -24.50 -21.11 -10.81
CA ALA B 273 -25.48 -21.67 -11.74
C ALA B 273 -25.85 -20.68 -12.84
N PHE B 274 -25.80 -19.38 -12.55
CA PHE B 274 -26.15 -18.38 -13.54
C PHE B 274 -25.16 -18.37 -14.71
N PHE B 275 -23.89 -18.68 -14.45
CA PHE B 275 -22.89 -18.68 -15.50
C PHE B 275 -22.64 -20.05 -16.11
N GLN B 276 -23.17 -21.12 -15.52
CA GLN B 276 -23.01 -22.45 -16.10
C GLN B 276 -24.32 -22.93 -16.72
MN MN C . 12.77 -4.90 16.11
PG ANP D . 10.46 -7.98 15.95
O1G ANP D . 10.68 -6.63 16.58
O2G ANP D . 11.38 -8.27 14.78
O3G ANP D . 9.01 -8.31 15.70
PB ANP D . 12.60 -9.70 17.15
O1B ANP D . 12.78 -10.54 18.39
O2B ANP D . 12.81 -10.36 15.80
N3B ANP D . 10.97 -9.07 17.22
PA ANP D . 14.56 -7.83 16.19
O1A ANP D . 14.11 -6.41 15.92
O2A ANP D . 14.67 -8.79 15.02
O3A ANP D . 13.61 -8.45 17.35
O5' ANP D . 16.01 -7.73 16.87
C5' ANP D . 16.59 -8.86 17.51
C4' ANP D . 17.30 -8.41 18.79
O4' ANP D . 18.55 -7.78 18.52
C3' ANP D . 16.50 -7.39 19.58
O3' ANP D . 15.58 -8.04 20.48
C2' ANP D . 17.57 -6.69 20.37
O2' ANP D . 17.79 -7.42 21.58
C1' ANP D . 18.82 -6.78 19.51
N9 ANP D . 19.07 -5.49 18.82
C8 ANP D . 18.41 -5.04 17.72
N7 ANP D . 18.90 -3.84 17.33
C5 ANP D . 19.87 -3.49 18.18
C6 ANP D . 20.78 -2.35 18.34
N6 ANP D . 20.74 -1.31 17.47
N1 ANP D . 21.67 -2.38 19.37
C2 ANP D . 21.72 -3.42 20.23
N3 ANP D . 20.92 -4.49 20.14
C4 ANP D . 19.99 -4.59 19.15
C2 A7Y E . 12.69 5.93 4.75
C3 A7Y E . 12.19 5.49 3.53
C41 A7Y E . 16.73 0.04 9.93
C42 A7Y E . 16.72 1.43 9.80
C44 A7Y E . 16.97 2.25 10.89
C45 A7Y E . 17.23 1.67 12.14
C47 A7Y E . 17.25 0.27 12.28
C49 A7Y E . 17.00 -0.55 11.18
C52 A7Y E . 17.30 4.56 11.68
C56 A7Y E . 15.10 -4.00 7.97
C58 A7Y E . 14.82 -4.83 6.88
C60 A7Y E . 15.10 -4.39 5.59
C12 A7Y E . 11.45 1.80 4.28
C16 A7Y E . 13.84 1.10 4.49
C19 A7Y E . 14.56 -0.25 4.30
C21 A7Y E . 13.76 -0.96 3.18
C24 A7Y E . 12.34 -0.40 3.41
C28 A7Y E . 16.48 0.52 2.78
C10 A7Y E . 12.79 5.06 5.82
C32 A7Y E . 16.92 -0.41 4.98
C34 A7Y E . 16.54 -1.01 6.32
C35 A7Y E . 15.96 -2.28 6.48
C36 A7Y E . 15.66 -2.74 7.77
C38 A7Y E . 16.46 -0.75 8.72
C39 A7Y E . 16.78 -0.25 7.46
C5 A7Y E . 11.79 4.16 3.37
C62 A7Y E . 15.68 -3.13 5.39
C7 A7Y E . 11.87 3.27 4.45
C8 A7Y E . 12.38 3.72 5.67
N15 A7Y E . 12.58 1.02 3.73
N27 A7Y E . 15.99 -0.05 4.05
N37 A7Y E . 15.93 -1.98 8.85
O33 A7Y E . 18.12 -0.28 4.80
O51 A7Y E . 16.93 3.63 10.66
CL1 A7Y E . 13.20 7.59 4.95
MN MN F . -9.81 4.87 -18.79
PG ANP G . -10.23 7.99 -16.16
O1G ANP G . -10.05 9.41 -15.67
O2G ANP G . -10.89 7.08 -15.16
O3G ANP G . -9.00 7.39 -16.82
PB ANP G . -11.23 9.33 -18.69
O1B ANP G . -10.11 10.28 -18.33
O2B ANP G . -12.60 9.92 -18.93
N3B ANP G . -11.41 8.12 -17.45
PA ANP G . -9.33 8.09 -20.38
O1A ANP G . -8.34 8.70 -19.40
O2A ANP G . -9.33 6.60 -20.61
O3A ANP G . -10.84 8.51 -20.03
O5' ANP G . -9.15 8.81 -21.81
C5' ANP G . -8.84 8.00 -22.93
C4' ANP G . -9.97 8.07 -23.94
O4' ANP G . -9.47 7.61 -25.19
C3' ANP G . -11.14 7.17 -23.55
O3' ANP G . -12.32 7.94 -23.30
C2' ANP G . -11.38 6.28 -24.75
O2' ANP G . -12.51 6.72 -25.48
C1' ANP G . -10.13 6.41 -25.62
N9 ANP G . -9.23 5.26 -25.40
C8 ANP G . -8.43 5.02 -24.34
N7 ANP G . -7.73 3.86 -24.50
C5 ANP G . -8.10 3.34 -25.69
C6 ANP G . -7.77 2.14 -26.49
N6 ANP G . -6.88 1.21 -26.06
N1 ANP G . -8.39 1.99 -27.69
C2 ANP G . -9.27 2.89 -28.14
N3 ANP G . -9.62 4.00 -27.48
C4 ANP G . -9.08 4.27 -26.28
C2 A7Y H . 1.56 -4.98 -14.11
C3 A7Y H . 0.40 -4.22 -14.33
C41 A7Y H . -1.87 0.23 -19.73
C42 A7Y H . -1.61 -1.14 -19.64
C44 A7Y H . -2.41 -2.07 -20.30
C45 A7Y H . -3.49 -1.61 -21.07
C47 A7Y H . -3.76 -0.25 -21.16
C49 A7Y H . -2.95 0.68 -20.50
C52 A7Y H . -2.90 -4.48 -20.64
C56 A7Y H . -1.18 4.54 -17.70
C58 A7Y H . -0.41 5.48 -17.04
C60 A7Y H . 0.92 5.19 -16.70
C12 A7Y H . 1.21 -1.01 -12.36
C16 A7Y H . 1.86 -0.28 -14.70
C19 A7Y H . 2.11 1.09 -15.37
C21 A7Y H . 2.66 1.97 -14.22
C24 A7Y H . 2.43 1.13 -12.92
C28 A7Y H . 4.40 0.50 -16.36
C10 A7Y H . 2.58 -4.45 -13.32
C32 A7Y H . 2.58 1.24 -17.78
C34 A7Y H . 1.17 1.70 -18.05
C35 A7Y H . 0.68 2.96 -17.69
C36 A7Y H . -0.66 3.29 -18.03
C38 A7Y H . -0.99 1.18 -19.02
C39 A7Y H . 0.32 0.81 -18.72
C5 A7Y H . 0.29 -2.94 -13.77
C62 A7Y H . 1.45 3.93 -17.03
C7 A7Y H . 1.31 -2.41 -12.98
C8 A7Y H . 2.46 -3.17 -12.77
N15 A7Y H . 1.47 0.09 -13.32
N27 A7Y H . 3.02 0.93 -16.52
N37 A7Y H . -1.43 2.40 -18.69
O33 A7Y H . 3.30 1.16 -18.76
O51 A7Y H . -2.07 -3.42 -20.16
CL1 A7Y H . 1.73 -6.58 -14.80
#